data_1BS1
#
_entry.id   1BS1
#
_cell.length_a   72.900
_cell.length_b   48.200
_cell.length_c   60.900
_cell.angle_alpha   90.00
_cell.angle_beta   107.00
_cell.angle_gamma   90.00
#
_symmetry.space_group_name_H-M   'C 1 2 1'
#
loop_
_entity.id
_entity.type
_entity.pdbx_description
1 polymer 'PROTEIN (DETHIOBIOTIN SYNTHETASE)'
2 non-polymer 'MAGNESIUM ION'
3 non-polymer "ADENOSINE-5'-DIPHOSPHATE"
4 non-polymer '8-AMINO-7-CARBOXYAMINO-NONANOIC ACID WITH ALUMINUM FLUORIDE'
5 water water
#
_entity_poly.entity_id   1
_entity_poly.type   'polypeptide(L)'
_entity_poly.pdbx_seq_one_letter_code
;SKRYFVTGTDTEVGKTVASCALLQAAKAAGYRTAGYKPVASGSEKTPEGLRNSDALALQRNSSLQLDYATVNPYTFAEPT
SPHIISAQEGRPIESLVMSAGLRALEQQADWVLVEGAGGWFTPLSDTFTFADWVTQEQLPVILVVGVKLGCINHAMLTAQ
VIQHAGLTLAGWVANDVTPPGKRHAEYMTTLTRMIPAPLLGEIPWLAENPENAATGKYINLALL
;
_entity_poly.pdbx_strand_id   A
#
loop_
_chem_comp.id
_chem_comp.type
_chem_comp.name
_chem_comp.formula
ADP non-polymer ADENOSINE-5'-DIPHOSPHATE 'C10 H15 N5 O10 P2'
DAA non-polymer '8-AMINO-7-CARBOXYAMINO-NONANOIC ACID WITH ALUMINUM FLUORIDE' 'C10 H19 Al F3 N2 O4 -1'
MG non-polymer 'MAGNESIUM ION' 'Mg 2'
#
# COMPACT_ATOMS: atom_id res chain seq x y z
N SER A 1 -14.92 0.33 -11.94
CA SER A 1 -14.89 0.79 -10.52
C SER A 1 -13.49 1.33 -10.18
N LYS A 2 -13.35 2.10 -9.11
CA LYS A 2 -12.06 2.75 -8.83
C LYS A 2 -11.04 1.80 -8.20
N ARG A 3 -9.77 1.91 -8.61
CA ARG A 3 -8.75 1.02 -8.08
C ARG A 3 -7.41 1.78 -7.99
N TYR A 4 -6.64 1.56 -6.92
CA TYR A 4 -5.39 2.23 -6.65
C TYR A 4 -4.37 1.24 -6.12
N PHE A 5 -3.11 1.40 -6.51
CA PHE A 5 -2.03 0.60 -5.94
C PHE A 5 -1.26 1.50 -4.98
N VAL A 6 -1.08 1.05 -3.74
CA VAL A 6 -0.32 1.87 -2.79
C VAL A 6 1.10 1.34 -2.62
N THR A 7 2.10 2.17 -2.94
CA THR A 7 3.50 1.81 -2.74
C THR A 7 4.10 2.76 -1.71
N GLY A 8 5.36 2.52 -1.36
CA GLY A 8 6.05 3.37 -0.39
C GLY A 8 7.51 3.61 -0.77
N THR A 9 8.13 4.60 -0.12
CA THR A 9 9.54 4.92 -0.33
C THR A 9 10.46 3.83 0.21
N ASP A 10 9.92 2.89 0.97
CA ASP A 10 10.73 1.81 1.53
C ASP A 10 9.75 0.88 2.28
N THR A 11 10.27 -0.17 2.91
CA THR A 11 9.41 -0.95 3.81
C THR A 11 9.41 -0.15 5.11
N GLU A 12 8.42 -0.31 5.96
CA GLU A 12 8.36 0.36 7.25
C GLU A 12 8.31 1.87 7.22
N VAL A 13 7.51 2.43 6.30
CA VAL A 13 7.34 3.88 6.20
C VAL A 13 5.90 4.32 6.43
N GLY A 14 4.96 3.39 6.57
CA GLY A 14 3.54 3.69 6.74
C GLY A 14 2.58 3.33 5.63
N LYS A 15 2.95 2.50 4.66
CA LYS A 15 2.00 2.10 3.63
C LYS A 15 0.71 1.58 4.25
N THR A 16 0.85 0.65 5.21
CA THR A 16 -0.37 0.07 5.82
C THR A 16 -1.18 1.11 6.55
N VAL A 17 -0.53 1.93 7.39
CA VAL A 17 -1.29 2.95 8.13
C VAL A 17 -1.97 3.90 7.14
N ALA A 18 -1.24 4.35 6.13
CA ALA A 18 -1.84 5.24 5.13
C ALA A 18 -2.94 4.54 4.33
N SER A 19 -2.78 3.26 4.03
CA SER A 19 -3.85 2.54 3.27
C SER A 19 -5.13 2.49 4.09
N CYS A 20 -4.98 2.29 5.42
CA CYS A 20 -6.16 2.26 6.29
C CYS A 20 -6.85 3.61 6.28
N ALA A 21 -6.05 4.71 6.28
CA ALA A 21 -6.66 6.03 6.28
C ALA A 21 -7.43 6.23 4.96
N LEU A 22 -6.82 5.78 3.86
CA LEU A 22 -7.45 5.91 2.55
C LEU A 22 -8.77 5.13 2.51
N LEU A 23 -8.76 3.89 2.98
CA LEU A 23 -10.00 3.10 3.05
C LEU A 23 -11.07 3.74 3.93
N GLN A 24 -10.69 4.28 5.10
CA GLN A 24 -11.68 4.94 5.94
C GLN A 24 -12.29 6.14 5.20
N ALA A 25 -11.45 6.88 4.48
CA ALA A 25 -11.94 8.06 3.78
C ALA A 25 -12.91 7.67 2.68
N ALA A 26 -12.64 6.54 2.01
CA ALA A 26 -13.51 6.09 0.93
C ALA A 26 -14.87 5.62 1.44
N LYS A 27 -14.86 4.96 2.60
CA LYS A 27 -16.12 4.52 3.21
C LYS A 27 -16.92 5.76 3.59
N ALA A 28 -16.21 6.77 4.11
CA ALA A 28 -16.90 8.00 4.53
C ALA A 28 -17.56 8.68 3.34
N ALA A 29 -16.94 8.51 2.17
CA ALA A 29 -17.44 9.09 0.94
C ALA A 29 -18.62 8.32 0.33
N GLY A 30 -18.94 7.15 0.88
CA GLY A 30 -20.07 6.35 0.44
C GLY A 30 -19.74 5.19 -0.48
N TYR A 31 -18.45 4.89 -0.65
CA TYR A 31 -18.05 3.76 -1.46
C TYR A 31 -18.16 2.41 -0.73
N ARG A 32 -18.31 1.37 -1.53
CA ARG A 32 -18.32 0.00 -1.04
C ARG A 32 -16.85 -0.45 -1.20
N THR A 33 -16.10 -0.48 -0.12
CA THR A 33 -14.65 -0.64 -0.21
C THR A 33 -14.08 -2.02 0.10
N ALA A 34 -12.85 -2.23 -0.42
CA ALA A 34 -12.11 -3.46 -0.18
C ALA A 34 -10.60 -3.16 -0.26
N GLY A 35 -9.86 -3.67 0.73
CA GLY A 35 -8.40 -3.55 0.66
C GLY A 35 -7.88 -4.93 0.22
N TYR A 36 -6.76 -4.94 -0.48
CA TYR A 36 -6.17 -6.14 -1.06
C TYR A 36 -4.66 -6.09 -0.87
N LYS A 37 -4.11 -7.10 -0.23
CA LYS A 37 -2.66 -7.27 -0.03
C LYS A 37 -2.38 -8.65 -0.65
N PRO A 38 -2.24 -8.71 -1.96
CA PRO A 38 -2.07 -9.97 -2.64
C PRO A 38 -0.91 -10.80 -2.14
N VAL A 39 0.21 -10.14 -1.85
CA VAL A 39 1.40 -10.85 -1.40
C VAL A 39 1.85 -10.28 -0.05
N ALA A 40 2.09 -11.16 0.91
CA ALA A 40 2.53 -10.67 2.23
C ALA A 40 3.56 -11.61 2.84
N SER A 41 4.60 -11.08 3.47
CA SER A 41 5.61 -11.87 4.16
C SER A 41 5.82 -11.27 5.55
N GLY A 42 6.03 -12.13 6.55
CA GLY A 42 6.17 -11.62 7.93
C GLY A 42 4.75 -11.78 8.51
N SER A 43 4.40 -13.02 8.86
CA SER A 43 3.04 -13.41 9.26
C SER A 43 3.03 -14.40 10.41
N GLU A 44 1.96 -14.37 11.22
CA GLU A 44 1.90 -15.17 12.43
C GLU A 44 0.90 -16.31 12.34
N LYS A 45 1.17 -17.39 13.11
CA LYS A 45 0.29 -18.56 13.04
C LYS A 45 -1.03 -18.34 13.78
N THR A 46 -2.11 -18.94 13.30
CA THR A 46 -3.42 -18.96 13.97
C THR A 46 -4.03 -20.32 13.63
N PRO A 47 -5.11 -20.74 14.28
CA PRO A 47 -5.74 -22.01 13.98
C PRO A 47 -6.21 -22.09 12.52
N GLU A 48 -6.50 -20.96 11.88
CA GLU A 48 -6.96 -20.94 10.51
C GLU A 48 -5.83 -20.99 9.48
N GLY A 49 -4.59 -20.84 9.93
CA GLY A 49 -3.42 -20.73 9.06
C GLY A 49 -2.73 -19.39 9.34
N LEU A 50 -1.68 -19.08 8.57
CA LEU A 50 -0.92 -17.85 8.76
C LEU A 50 -1.74 -16.61 8.47
N ARG A 51 -1.54 -15.58 9.29
CA ARG A 51 -2.23 -14.31 9.17
C ARG A 51 -1.21 -13.18 9.18
N ASN A 52 -1.28 -12.32 8.14
CA ASN A 52 -0.36 -11.17 8.07
C ASN A 52 -1.03 -9.95 8.68
N SER A 53 -0.31 -9.11 9.43
CA SER A 53 -0.90 -7.97 10.09
C SER A 53 -1.39 -6.89 9.14
N ASP A 54 -0.74 -6.69 8.00
CA ASP A 54 -1.21 -5.68 7.05
C ASP A 54 -2.56 -6.13 6.48
N ALA A 55 -2.63 -7.39 6.07
CA ALA A 55 -3.88 -7.95 5.52
C ALA A 55 -5.01 -7.87 6.52
N LEU A 56 -4.70 -8.17 7.79
CA LEU A 56 -5.74 -8.01 8.82
C LEU A 56 -6.19 -6.57 8.94
N ALA A 57 -5.27 -5.60 8.87
CA ALA A 57 -5.67 -4.20 8.98
C ALA A 57 -6.53 -3.76 7.80
N LEU A 58 -6.18 -4.20 6.59
CA LEU A 58 -6.96 -3.87 5.39
C LEU A 58 -8.35 -4.51 5.47
N GLN A 59 -8.41 -5.72 6.00
CA GLN A 59 -9.68 -6.45 6.16
C GLN A 59 -10.60 -5.70 7.13
N ARG A 60 -10.02 -5.30 8.27
CA ARG A 60 -10.81 -4.60 9.28
C ARG A 60 -11.30 -3.24 8.78
N ASN A 61 -10.49 -2.59 7.95
CA ASN A 61 -10.78 -1.27 7.46
C ASN A 61 -11.61 -1.25 6.16
N SER A 62 -12.01 -2.42 5.68
CA SER A 62 -12.87 -2.51 4.50
C SER A 62 -14.35 -2.35 4.91
N SER A 63 -15.17 -1.69 4.10
CA SER A 63 -16.56 -1.47 4.51
C SER A 63 -17.36 -2.77 4.36
N LEU A 64 -16.90 -3.61 3.45
CA LEU A 64 -17.53 -4.90 3.21
C LEU A 64 -16.93 -5.92 4.17
N GLN A 65 -17.71 -6.94 4.52
CA GLN A 65 -17.20 -8.03 5.37
C GLN A 65 -16.53 -9.02 4.42
N LEU A 66 -15.20 -9.10 4.46
CA LEU A 66 -14.49 -9.93 3.49
C LEU A 66 -13.79 -11.11 4.12
N ASP A 67 -13.69 -12.24 3.43
CA ASP A 67 -12.94 -13.36 4.00
C ASP A 67 -11.44 -13.08 3.85
N TYR A 68 -10.65 -13.58 4.79
CA TYR A 68 -9.21 -13.36 4.79
C TYR A 68 -8.57 -13.68 3.44
N ALA A 69 -8.81 -14.85 2.90
CA ALA A 69 -8.16 -15.26 1.65
C ALA A 69 -8.42 -14.34 0.47
N THR A 70 -9.55 -13.63 0.50
CA THR A 70 -9.90 -12.73 -0.59
C THR A 70 -9.05 -11.46 -0.46
N VAL A 71 -8.69 -11.13 0.78
CA VAL A 71 -7.81 -9.97 1.01
C VAL A 71 -6.35 -10.33 0.73
N ASN A 72 -5.94 -11.54 1.11
CA ASN A 72 -4.55 -11.94 0.99
C ASN A 72 -4.37 -13.40 0.61
N PRO A 73 -4.35 -13.68 -0.70
CA PRO A 73 -4.17 -15.02 -1.20
C PRO A 73 -2.81 -15.61 -0.89
N TYR A 74 -1.71 -14.82 -0.86
CA TYR A 74 -0.38 -15.38 -0.62
C TYR A 74 0.21 -14.85 0.69
N THR A 75 0.33 -15.72 1.69
CA THR A 75 0.82 -15.41 3.00
C THR A 75 2.05 -16.21 3.39
N PHE A 76 3.17 -15.54 3.66
CA PHE A 76 4.42 -16.22 4.05
C PHE A 76 4.78 -15.81 5.48
N ALA A 77 5.30 -16.75 6.28
CA ALA A 77 5.62 -16.40 7.66
C ALA A 77 6.86 -15.51 7.78
N GLU A 78 7.93 -15.90 7.08
CA GLU A 78 9.21 -15.16 7.27
C GLU A 78 9.20 -13.81 6.62
N PRO A 79 9.61 -12.79 7.36
CA PRO A 79 9.67 -11.42 6.87
C PRO A 79 10.90 -11.13 6.03
N THR A 80 10.91 -11.68 4.82
CA THR A 80 12.03 -11.45 3.87
C THR A 80 11.43 -11.11 2.52
N SER A 81 12.27 -10.96 1.50
CA SER A 81 11.67 -10.67 0.17
C SER A 81 10.79 -11.83 -0.26
N PRO A 82 9.60 -11.54 -0.81
CA PRO A 82 8.65 -12.54 -1.27
C PRO A 82 9.29 -13.56 -2.19
N HIS A 83 10.15 -13.13 -3.14
CA HIS A 83 10.73 -14.13 -4.04
C HIS A 83 11.60 -15.15 -3.31
N ILE A 84 12.29 -14.72 -2.27
CA ILE A 84 13.19 -15.63 -1.56
C ILE A 84 12.39 -16.70 -0.82
N ILE A 85 11.42 -16.28 0.01
CA ILE A 85 10.64 -17.25 0.77
C ILE A 85 9.70 -18.05 -0.14
N SER A 86 9.18 -17.48 -1.23
CA SER A 86 8.35 -18.26 -2.16
C SER A 86 9.16 -19.40 -2.77
N ALA A 87 10.41 -19.14 -3.18
CA ALA A 87 11.24 -20.19 -3.77
C ALA A 87 11.64 -21.23 -2.73
N GLN A 88 11.97 -20.78 -1.53
CA GLN A 88 12.36 -21.69 -0.46
C GLN A 88 11.20 -22.63 -0.10
N GLU A 89 9.98 -22.11 -0.01
CA GLU A 89 8.85 -22.98 0.37
C GLU A 89 8.16 -23.68 -0.78
N GLY A 90 8.62 -23.43 -2.00
CA GLY A 90 8.05 -24.05 -3.19
C GLY A 90 6.60 -23.65 -3.43
N ARG A 91 6.27 -22.40 -3.17
CA ARG A 91 4.92 -21.87 -3.40
C ARG A 91 5.06 -20.65 -4.29
N PRO A 92 5.04 -20.89 -5.59
CA PRO A 92 5.20 -19.82 -6.56
C PRO A 92 4.11 -18.77 -6.49
N ILE A 93 4.50 -17.53 -6.73
CA ILE A 93 3.60 -16.40 -6.79
C ILE A 93 3.25 -16.19 -8.28
N GLU A 94 1.96 -16.28 -8.59
CA GLU A 94 1.54 -16.16 -9.98
C GLU A 94 0.76 -14.88 -10.25
N SER A 95 1.23 -14.09 -11.22
CA SER A 95 0.54 -12.89 -11.64
C SER A 95 -0.96 -13.12 -11.89
N LEU A 96 -1.30 -14.19 -12.60
CA LEU A 96 -2.73 -14.47 -12.88
C LEU A 96 -3.55 -14.62 -11.62
N VAL A 97 -2.99 -15.26 -10.59
CA VAL A 97 -3.73 -15.46 -9.33
C VAL A 97 -3.93 -14.10 -8.64
N MET A 98 -2.86 -13.29 -8.63
CA MET A 98 -2.98 -11.96 -8.06
C MET A 98 -4.07 -11.14 -8.77
N SER A 99 -4.10 -11.23 -10.09
CA SER A 99 -5.09 -10.50 -10.87
C SER A 99 -6.52 -11.02 -10.66
N ALA A 100 -6.68 -12.31 -10.56
CA ALA A 100 -8.00 -12.92 -10.35
C ALA A 100 -8.56 -12.42 -9.01
N GLY A 101 -7.65 -12.30 -8.04
CA GLY A 101 -8.10 -11.85 -6.71
C GLY A 101 -8.62 -10.43 -6.74
N LEU A 102 -7.93 -9.57 -7.51
CA LEU A 102 -8.41 -8.19 -7.68
C LEU A 102 -9.79 -8.20 -8.34
N ARG A 103 -9.97 -8.98 -9.40
CA ARG A 103 -11.29 -9.11 -10.05
C ARG A 103 -12.35 -9.60 -9.07
N ALA A 104 -12.01 -10.60 -8.24
CA ALA A 104 -12.97 -11.12 -7.27
C ALA A 104 -13.48 -10.01 -6.37
N LEU A 105 -12.57 -9.18 -5.84
CA LEU A 105 -13.00 -8.10 -4.96
C LEU A 105 -13.94 -7.15 -5.72
N GLU A 106 -13.59 -6.84 -6.96
CA GLU A 106 -14.41 -5.95 -7.79
C GLU A 106 -15.82 -6.51 -8.01
N GLN A 107 -16.07 -7.78 -7.75
CA GLN A 107 -17.43 -8.33 -7.84
C GLN A 107 -18.33 -7.60 -6.81
N GLN A 108 -17.73 -7.24 -5.68
CA GLN A 108 -18.51 -6.64 -4.60
C GLN A 108 -18.18 -5.19 -4.28
N ALA A 109 -16.93 -4.75 -4.46
CA ALA A 109 -16.54 -3.39 -4.11
C ALA A 109 -16.50 -2.43 -5.28
N ASP A 110 -16.79 -1.15 -5.07
CA ASP A 110 -16.69 -0.19 -6.17
C ASP A 110 -15.45 0.69 -6.00
N TRP A 111 -14.65 0.38 -4.97
CA TRP A 111 -13.45 1.17 -4.65
C TRP A 111 -12.45 0.21 -3.99
N VAL A 112 -11.38 -0.10 -4.69
CA VAL A 112 -10.45 -1.12 -4.21
C VAL A 112 -9.05 -0.50 -4.08
N LEU A 113 -8.41 -0.80 -2.95
CA LEU A 113 -7.06 -0.30 -2.69
C LEU A 113 -6.14 -1.51 -2.62
N VAL A 114 -5.03 -1.49 -3.32
CA VAL A 114 -4.10 -2.62 -3.32
C VAL A 114 -2.79 -2.19 -2.65
N GLU A 115 -2.43 -2.84 -1.55
CA GLU A 115 -1.16 -2.47 -0.89
C GLU A 115 -0.04 -3.38 -1.40
N GLY A 116 1.10 -2.79 -1.76
CA GLY A 116 2.23 -3.59 -2.27
C GLY A 116 3.01 -4.20 -1.11
N ALA A 117 4.16 -4.80 -1.42
CA ALA A 117 5.00 -5.35 -0.33
C ALA A 117 6.37 -4.69 -0.47
N GLY A 118 6.87 -4.09 0.62
CA GLY A 118 8.15 -3.38 0.54
C GLY A 118 7.98 -2.16 -0.37
N GLY A 119 9.04 -1.83 -1.11
CA GLY A 119 9.01 -0.71 -2.04
C GLY A 119 8.61 -1.15 -3.44
N TRP A 120 8.85 -0.27 -4.42
CA TRP A 120 8.40 -0.46 -5.78
C TRP A 120 8.90 -1.71 -6.47
N PHE A 121 10.21 -1.95 -6.37
CA PHE A 121 10.81 -3.07 -7.11
C PHE A 121 10.93 -4.37 -6.35
N THR A 122 10.15 -4.61 -5.29
CA THR A 122 10.24 -5.88 -4.58
C THR A 122 10.02 -7.08 -5.47
N PRO A 123 10.97 -8.00 -5.53
CA PRO A 123 10.85 -9.17 -6.36
C PRO A 123 9.79 -10.18 -5.90
N LEU A 124 9.08 -10.76 -6.86
CA LEU A 124 8.10 -11.82 -6.59
C LEU A 124 8.62 -13.16 -7.03
N SER A 125 9.48 -13.17 -8.07
CA SER A 125 10.18 -14.34 -8.52
C SER A 125 11.59 -13.85 -8.93
N ASP A 126 12.43 -14.75 -9.42
CA ASP A 126 13.74 -14.34 -9.92
C ASP A 126 13.68 -13.59 -11.26
N THR A 127 12.48 -13.54 -11.85
CA THR A 127 12.33 -12.82 -13.12
C THR A 127 11.15 -11.87 -13.13
N PHE A 128 10.48 -11.64 -12.00
CA PHE A 128 9.27 -10.81 -12.00
C PHE A 128 9.20 -10.04 -10.67
N THR A 129 8.96 -8.75 -10.76
CA THR A 129 8.86 -7.91 -9.56
C THR A 129 7.43 -7.42 -9.39
N PHE A 130 7.14 -6.82 -8.23
CA PHE A 130 5.82 -6.24 -8.03
C PHE A 130 5.55 -5.16 -9.08
N ALA A 131 6.57 -4.37 -9.41
CA ALA A 131 6.39 -3.32 -10.42
C ALA A 131 5.88 -3.88 -11.74
N ASP A 132 6.33 -5.08 -12.07
CA ASP A 132 5.88 -5.72 -13.31
C ASP A 132 4.36 -5.95 -13.29
N TRP A 133 3.83 -6.43 -12.16
CA TRP A 133 2.39 -6.69 -12.01
C TRP A 133 1.57 -5.42 -12.07
N VAL A 134 2.04 -4.38 -11.38
CA VAL A 134 1.30 -3.12 -11.38
C VAL A 134 1.22 -2.56 -12.81
N THR A 135 2.33 -2.73 -13.53
CA THR A 135 2.41 -2.26 -14.93
C THR A 135 1.41 -3.06 -15.76
N GLN A 136 1.34 -4.37 -15.55
CA GLN A 136 0.38 -5.18 -16.31
C GLN A 136 -1.05 -4.73 -16.02
N GLU A 137 -1.35 -4.45 -14.77
CA GLU A 137 -2.71 -4.07 -14.39
C GLU A 137 -3.00 -2.60 -14.71
N GLN A 138 -1.98 -1.83 -15.07
CA GLN A 138 -2.18 -0.42 -15.36
C GLN A 138 -2.93 0.28 -14.24
N LEU A 139 -2.53 0.00 -13.00
CA LEU A 139 -3.12 0.64 -11.85
C LEU A 139 -2.53 2.02 -11.60
N PRO A 140 -3.38 2.97 -11.25
CA PRO A 140 -2.93 4.28 -10.80
C PRO A 140 -2.21 4.08 -9.46
N VAL A 141 -1.09 4.78 -9.25
CA VAL A 141 -0.27 4.52 -8.07
C VAL A 141 -0.31 5.66 -7.05
N ILE A 142 -0.38 5.27 -5.77
CA ILE A 142 -0.35 6.29 -4.72
C ILE A 142 0.98 6.08 -3.97
N LEU A 143 1.81 7.12 -3.82
CA LEU A 143 3.08 6.92 -3.12
C LEU A 143 3.04 7.34 -1.65
N VAL A 144 3.34 6.43 -0.73
CA VAL A 144 3.38 6.83 0.69
C VAL A 144 4.81 7.23 1.02
N VAL A 145 4.98 8.44 1.60
CA VAL A 145 6.28 8.96 1.97
C VAL A 145 6.41 9.08 3.48
N GLY A 146 7.30 8.31 4.08
CA GLY A 146 7.57 8.40 5.52
C GLY A 146 8.53 9.61 5.65
N VAL A 147 8.05 10.61 6.37
CA VAL A 147 8.83 11.84 6.47
C VAL A 147 10.01 11.67 7.42
N LYS A 148 11.20 11.56 6.85
CA LYS A 148 12.43 11.35 7.62
C LYS A 148 13.63 11.64 6.71
N LEU A 149 14.82 11.78 7.31
CA LEU A 149 16.01 12.05 6.47
C LEU A 149 16.18 10.95 5.43
N GLY A 150 16.35 11.34 4.16
CA GLY A 150 16.51 10.39 3.10
C GLY A 150 15.23 10.21 2.26
N CYS A 151 14.11 10.75 2.74
CA CYS A 151 12.84 10.47 2.03
C CYS A 151 12.75 11.26 0.72
N ILE A 152 13.48 12.38 0.62
CA ILE A 152 13.36 13.16 -0.63
C ILE A 152 13.91 12.33 -1.78
N ASN A 153 15.13 11.81 -1.63
CA ASN A 153 15.76 10.94 -2.60
C ASN A 153 14.85 9.74 -2.93
N HIS A 154 14.37 8.99 -1.94
CA HIS A 154 13.49 7.86 -2.19
C HIS A 154 12.19 8.25 -2.91
N ALA A 155 11.57 9.36 -2.53
CA ALA A 155 10.34 9.78 -3.21
C ALA A 155 10.63 10.10 -4.67
N MET A 156 11.74 10.82 -4.90
CA MET A 156 12.10 11.19 -6.28
C MET A 156 12.45 9.98 -7.12
N LEU A 157 13.20 9.03 -6.56
CA LEU A 157 13.55 7.82 -7.29
C LEU A 157 12.28 7.05 -7.69
N THR A 158 11.37 6.90 -6.71
CA THR A 158 10.15 6.11 -6.98
C THR A 158 9.28 6.80 -8.01
N ALA A 159 9.05 8.10 -7.84
CA ALA A 159 8.22 8.83 -8.80
C ALA A 159 8.81 8.73 -10.22
N GLN A 160 10.12 8.91 -10.36
CA GLN A 160 10.73 8.85 -11.70
C GLN A 160 10.51 7.49 -12.34
N VAL A 161 10.77 6.41 -11.60
CA VAL A 161 10.61 5.09 -12.21
C VAL A 161 9.15 4.77 -12.56
N ILE A 162 8.19 5.22 -11.73
CA ILE A 162 6.77 4.96 -12.03
C ILE A 162 6.44 5.64 -13.36
N GLN A 163 6.88 6.89 -13.46
CA GLN A 163 6.63 7.66 -14.68
C GLN A 163 7.28 6.98 -15.87
N HIS A 164 8.50 6.48 -15.74
CA HIS A 164 9.18 5.81 -16.86
C HIS A 164 8.40 4.56 -17.28
N ALA A 165 7.67 3.93 -16.38
CA ALA A 165 6.91 2.73 -16.72
C ALA A 165 5.62 3.05 -17.47
N GLY A 166 5.32 4.31 -17.68
CA GLY A 166 4.11 4.77 -18.34
C GLY A 166 2.88 4.83 -17.44
N LEU A 167 3.11 4.66 -16.13
CA LEU A 167 2.02 4.63 -15.15
C LEU A 167 1.69 6.01 -14.62
N THR A 168 0.49 6.15 -14.06
CA THR A 168 0.04 7.40 -13.51
C THR A 168 0.32 7.47 -12.01
N LEU A 169 1.04 8.48 -11.57
CA LEU A 169 1.23 8.68 -10.12
C LEU A 169 0.02 9.47 -9.68
N ALA A 170 -1.01 8.81 -9.14
CA ALA A 170 -2.27 9.46 -8.81
C ALA A 170 -2.20 10.40 -7.61
N GLY A 171 -1.22 10.21 -6.74
CA GLY A 171 -1.13 11.10 -5.58
C GLY A 171 -0.09 10.58 -4.58
N TRP A 172 0.16 11.37 -3.53
CA TRP A 172 1.10 10.94 -2.51
C TRP A 172 0.52 11.30 -1.12
N VAL A 173 0.95 10.54 -0.14
CA VAL A 173 0.51 10.72 1.24
C VAL A 173 1.76 10.87 2.12
N ALA A 174 1.79 11.93 2.91
CA ALA A 174 2.90 12.17 3.82
C ALA A 174 2.54 11.44 5.11
N ASN A 175 3.46 10.65 5.64
CA ASN A 175 3.19 9.96 6.89
C ASN A 175 4.27 10.30 7.92
N ASP A 176 3.83 10.89 9.04
CA ASP A 176 4.74 11.30 10.10
C ASP A 176 5.09 10.13 11.02
N VAL A 177 6.14 9.43 10.63
CA VAL A 177 6.60 8.25 11.33
C VAL A 177 7.24 8.50 12.68
N THR A 178 7.71 9.71 12.91
CA THR A 178 8.28 10.08 14.20
C THR A 178 7.71 11.41 14.65
N PRO A 179 7.93 11.77 15.91
CA PRO A 179 7.52 13.05 16.41
C PRO A 179 8.15 14.15 15.54
N PRO A 180 7.52 15.31 15.56
CA PRO A 180 7.96 16.47 14.84
C PRO A 180 9.39 16.93 15.11
N GLY A 181 10.16 17.17 14.06
CA GLY A 181 11.50 17.75 14.16
C GLY A 181 11.54 19.10 13.45
N LYS A 182 12.67 19.78 13.57
CA LYS A 182 13.00 21.07 13.08
C LYS A 182 12.62 21.44 11.66
N ARG A 183 13.03 20.64 10.69
CA ARG A 183 12.77 20.97 9.28
C ARG A 183 11.55 20.27 8.68
N HIS A 184 10.52 19.99 9.47
CA HIS A 184 9.34 19.26 8.98
C HIS A 184 8.68 20.09 7.89
N ALA A 185 8.42 21.38 8.12
CA ALA A 185 7.76 22.19 7.11
C ALA A 185 8.59 22.29 5.84
N GLU A 186 9.92 22.46 5.98
CA GLU A 186 10.79 22.56 4.80
C GLU A 186 10.77 21.25 4.03
N TYR A 187 10.72 20.13 4.75
CA TYR A 187 10.69 18.84 4.07
C TYR A 187 9.38 18.68 3.30
N MET A 188 8.27 19.06 3.94
CA MET A 188 6.96 18.99 3.27
C MET A 188 6.92 19.88 2.04
N THR A 189 7.51 21.08 2.12
CA THR A 189 7.50 21.97 0.96
C THR A 189 8.30 21.34 -0.18
N THR A 190 9.46 20.80 0.14
CA THR A 190 10.34 20.19 -0.83
C THR A 190 9.67 19.01 -1.54
N LEU A 191 9.07 18.13 -0.79
CA LEU A 191 8.37 16.97 -1.33
C LEU A 191 7.18 17.42 -2.19
N THR A 192 6.48 18.45 -1.74
CA THR A 192 5.32 18.95 -2.50
C THR A 192 5.77 19.47 -3.87
N ARG A 193 6.88 20.21 -3.91
CA ARG A 193 7.40 20.69 -5.18
C ARG A 193 7.87 19.57 -6.10
N MET A 194 8.63 18.62 -5.55
CA MET A 194 9.29 17.60 -6.34
C MET A 194 8.43 16.44 -6.79
N ILE A 195 7.40 16.04 -6.05
CA ILE A 195 6.59 14.88 -6.42
C ILE A 195 5.46 15.34 -7.35
N PRO A 196 5.47 14.85 -8.58
CA PRO A 196 4.50 15.24 -9.59
C PRO A 196 3.13 14.59 -9.47
N ALA A 197 2.43 14.85 -8.36
CA ALA A 197 1.11 14.32 -8.09
C ALA A 197 0.57 15.08 -6.88
N PRO A 198 -0.75 15.11 -6.70
CA PRO A 198 -1.32 15.83 -5.58
C PRO A 198 -1.00 15.23 -4.22
N LEU A 199 -0.76 16.10 -3.25
CA LEU A 199 -0.57 15.61 -1.87
C LEU A 199 -1.98 15.32 -1.35
N LEU A 200 -2.29 14.06 -1.02
CA LEU A 200 -3.67 13.72 -0.62
C LEU A 200 -3.94 14.05 0.83
N GLY A 201 -2.85 14.23 1.60
CA GLY A 201 -3.04 14.50 3.03
C GLY A 201 -1.82 14.01 3.81
N GLU A 202 -1.84 14.31 5.12
CA GLU A 202 -0.72 14.03 5.99
C GLU A 202 -1.20 13.36 7.29
N ILE A 203 -0.63 12.21 7.58
CA ILE A 203 -1.06 11.49 8.78
C ILE A 203 -0.09 11.85 9.90
N PRO A 204 -0.60 12.35 11.01
CA PRO A 204 0.27 12.78 12.10
C PRO A 204 0.89 11.61 12.85
N TRP A 205 1.87 11.88 13.69
CA TRP A 205 2.50 10.84 14.50
C TRP A 205 1.50 10.38 15.57
N LEU A 206 1.08 9.12 15.45
CA LEU A 206 0.11 8.46 16.29
C LEU A 206 0.73 7.21 16.91
N ALA A 207 1.43 7.41 18.02
CA ALA A 207 2.15 6.36 18.72
C ALA A 207 1.37 5.05 18.94
N GLU A 208 0.20 5.13 19.54
CA GLU A 208 -0.59 3.91 19.86
C GLU A 208 -1.55 3.53 18.72
N ASN A 209 -1.43 2.28 18.33
CA ASN A 209 -2.27 1.61 17.32
C ASN A 209 -2.84 2.54 16.26
N PRO A 210 -1.96 3.02 15.37
CA PRO A 210 -2.35 3.96 14.32
C PRO A 210 -3.21 3.32 13.24
N GLU A 211 -3.13 2.02 13.07
CA GLU A 211 -3.89 1.29 12.08
C GLU A 211 -5.41 1.34 12.34
N ASN A 212 -5.78 1.52 13.61
CA ASN A 212 -7.20 1.60 13.97
C ASN A 212 -7.59 2.98 14.46
N ALA A 213 -6.66 3.94 14.35
CA ALA A 213 -6.97 5.32 14.69
C ALA A 213 -7.90 5.83 13.60
N ALA A 214 -8.72 6.83 13.91
CA ALA A 214 -9.63 7.41 12.93
C ALA A 214 -8.82 8.41 12.11
N THR A 215 -8.26 7.94 11.00
CA THR A 215 -7.36 8.75 10.20
C THR A 215 -7.97 9.12 8.84
N GLY A 216 -9.17 8.60 8.54
CA GLY A 216 -9.79 9.01 7.26
C GLY A 216 -9.83 10.52 7.10
N LYS A 217 -10.03 11.25 8.20
CA LYS A 217 -10.14 12.69 8.17
C LYS A 217 -8.94 13.42 7.59
N TYR A 218 -7.78 12.75 7.57
CA TYR A 218 -6.55 13.36 7.06
C TYR A 218 -6.40 13.24 5.56
N ILE A 219 -7.32 12.51 4.93
CA ILE A 219 -7.25 12.30 3.48
C ILE A 219 -8.34 13.08 2.77
N ASN A 220 -7.95 13.79 1.71
CA ASN A 220 -8.95 14.50 0.90
C ASN A 220 -9.13 13.74 -0.41
N LEU A 221 -10.14 12.87 -0.44
CA LEU A 221 -10.38 12.05 -1.60
C LEU A 221 -10.77 12.84 -2.84
N ALA A 222 -11.24 14.07 -2.66
CA ALA A 222 -11.62 14.85 -3.85
C ALA A 222 -10.39 15.22 -4.67
N LEU A 223 -9.19 15.06 -4.09
CA LEU A 223 -7.96 15.39 -4.83
C LEU A 223 -7.47 14.20 -5.65
N LEU A 224 -8.03 13.02 -5.37
CA LEU A 224 -7.62 11.81 -6.03
C LEU A 224 -8.35 11.54 -7.33
MG MG B . 2.56 -2.61 5.09
MG MG C . 5.59 -3.49 7.01
PB ADP D . 4.86 -0.35 5.82
O1B ADP D . 5.36 0.69 4.87
O2B ADP D . 3.39 -0.91 5.55
O3B ADP D . 5.75 -1.54 6.05
PA ADP D . 3.40 0.39 8.42
O1A ADP D . 3.24 -1.03 8.84
O2A ADP D . 2.19 1.15 8.02
O3A ADP D . 4.64 0.47 7.22
O5' ADP D . 4.23 1.30 9.55
C5' ADP D . 5.56 0.84 10.02
C4' ADP D . 5.60 0.95 11.54
O4' ADP D . 5.50 2.34 11.85
C3' ADP D . 4.43 0.28 12.26
O3' ADP D . 4.85 -0.25 13.55
C2' ADP D . 3.38 1.34 12.46
O2' ADP D . 2.49 1.08 13.57
C1' ADP D . 4.30 2.56 12.65
N9 ADP D . 3.52 3.76 12.14
C8 ADP D . 3.34 4.02 10.83
N7 ADP D . 2.80 5.21 10.71
C5 ADP D . 2.76 5.80 11.89
C6 ADP D . 2.21 7.01 12.32
N6 ADP D . 1.68 7.90 11.49
N1 ADP D . 2.38 7.30 13.63
C2 ADP D . 3.09 6.49 14.43
N3 ADP D . 3.35 5.22 14.11
C4 ADP D . 3.33 4.92 12.80
CA DAA E . 12.54 -6.29 -0.74
C DAA E . 13.80 -5.40 -0.77
OI1 DAA E . 14.81 -5.75 -0.12
OI2 DAA E . 13.74 -4.37 -1.44
CB DAA E . 11.92 -6.08 0.67
CG DAA E . 10.77 -7.01 1.00
CD DAA E . 9.95 -6.38 2.15
CE DAA E . 8.69 -7.26 2.29
CZ DAA E . 7.65 -6.83 3.33
CH DAA E . 8.31 -6.84 4.73
CS DAA E . 8.92 -8.24 4.97
N1 DAA E . 6.49 -7.80 3.31
CN1 DAA E . 5.21 -7.27 3.25
O11 DAA E . 5.09 -5.87 2.94
O12 DAA E . 4.16 -7.95 3.40
N2 DAA E . 7.13 -6.77 5.62
AL DAA E . 5.50 -4.21 3.71
F1 DAA E . 4.16 -3.39 3.99
F2 DAA E . 6.04 -4.76 5.12
F3 DAA E . 6.62 -3.10 3.26
#